data_3X3F
#
_entry.id   3X3F
#
_cell.length_a   144.974
_cell.length_b   151.563
_cell.length_c   65.044
_cell.angle_alpha   90.00
_cell.angle_beta   90.00
_cell.angle_gamma   90.00
#
_symmetry.space_group_name_H-M   'I 2 2 2'
#
loop_
_entity.id
_entity.type
_entity.pdbx_description
1 polymer 'Heavy chain of KMTR2'
2 polymer 'Light chain of KMTR2'
3 polymer 'Tumor necrosis factor receptor superfamily member 10B'
4 non-polymer 2-acetamido-2-deoxy-beta-D-glucopyranose
5 non-polymer 'CHLORIDE ION'
6 non-polymer GLYCEROL
7 water water
#
loop_
_entity_poly.entity_id
_entity_poly.type
_entity_poly.pdbx_seq_one_letter_code
_entity_poly.pdbx_strand_id
1 'polypeptide(L)'
;QVQLVQSGAEMKKPGASVKVSCKTSGYTFTNYKINWVRQAPGQGLEWMGWMNPDTDSTGYPQKFQGRVTMTRNTSISTAY
MELSSLRSEDTAVYYCARSYGSGSYYRDYYYGMDVWGQGTTVTVSSASTKGPSVFPLAPCSRSTSESTAALGCLVKDYFP
EPVTVSWNSGALTSGVHTFPAVLQSSGLYSLSSVVTVPSSSLGTKTYTCNVDHKPSNTKVDKRVESKYG
;
H
2 'polypeptide(L)'
;EIVLTQSPATLSLSPGERATLSCRASQSVSSYLAWYQQKPGQAPRLLIYDASNRATGIPARFSGSGSGTDFTLTISSLEP
EDFAVYYCQQRSNWPLTFGGGTKVEIKRTVAAPSVFIFPPSDEQLKSGTASVVCLLNNFYPREAKVQWKVDNALQSGNSQ
ESVTEQDSKDSTYSLSSTLTLSKADYEKHKVYACEVTHQGLSSPVTKSFNRGEC
;
L
3 'polypeptide(L)'
;ALITQQDLAPQQRVAPQQKRSSPSEGLCPPGHHISEDGRDCISCKYGQDYSTHWNDLLFCLRCTRCDSGEVELSPCTTTR
NTVCQCEEGTFREEDSPEMCRKCRTGCPRGMVKVGDCTPWSDIECVHKESGSRADYKDDDDK
;
A
#
# COMPACT_ATOMS: atom_id res chain seq x y z
N GLN A 1 22.81 7.67 -12.90
CA GLN A 1 22.11 6.36 -12.91
C GLN A 1 22.38 5.56 -11.63
N VAL A 2 21.90 6.08 -10.50
CA VAL A 2 21.85 5.28 -9.29
C VAL A 2 20.65 4.35 -9.40
N GLN A 3 20.88 3.05 -9.31
CA GLN A 3 19.80 2.08 -9.43
C GLN A 3 19.86 0.99 -8.38
N LEU A 4 18.69 0.53 -7.98
CA LEU A 4 18.57 -0.65 -7.13
C LEU A 4 17.69 -1.60 -7.90
N VAL A 5 18.25 -2.76 -8.25
CA VAL A 5 17.52 -3.74 -9.05
C VAL A 5 17.36 -5.02 -8.25
N GLN A 6 16.10 -5.39 -8.02
CA GLN A 6 15.74 -6.52 -7.16
C GLN A 6 15.48 -7.78 -7.98
N SER A 7 15.58 -8.93 -7.32
CA SER A 7 15.27 -10.21 -7.94
C SER A 7 13.78 -10.35 -8.23
N GLY A 8 13.43 -11.32 -9.07
CA GLY A 8 12.06 -11.49 -9.55
C GLY A 8 11.10 -12.04 -8.52
N ALA A 9 9.82 -12.05 -8.90
CA ALA A 9 8.73 -12.50 -8.06
C ALA A 9 8.94 -13.95 -7.60
N GLU A 10 8.45 -14.28 -6.41
CA GLU A 10 8.59 -15.64 -5.91
C GLU A 10 7.29 -16.13 -5.29
N MET A 11 7.09 -17.44 -5.40
CA MET A 11 6.04 -18.17 -4.71
C MET A 11 6.72 -19.04 -3.68
N LYS A 12 6.16 -19.10 -2.47
CA LYS A 12 6.70 -19.94 -1.41
C LYS A 12 5.60 -20.68 -0.67
N LYS A 13 5.93 -21.83 -0.10
CA LYS A 13 5.00 -22.55 0.75
C LYS A 13 5.16 -22.07 2.19
N PRO A 14 4.07 -22.12 2.99
CA PRO A 14 4.21 -21.84 4.43
C PRO A 14 5.37 -22.64 5.02
N GLY A 15 6.19 -22.01 5.84
CA GLY A 15 7.28 -22.69 6.50
C GLY A 15 8.62 -22.50 5.80
N ALA A 16 8.60 -22.28 4.48
CA ALA A 16 9.83 -22.04 3.72
C ALA A 16 10.47 -20.70 4.06
N SER A 17 11.60 -20.41 3.43
CA SER A 17 12.18 -19.09 3.49
C SER A 17 12.35 -18.54 2.08
N VAL A 18 12.54 -17.23 1.98
CA VAL A 18 12.76 -16.56 0.70
C VAL A 18 13.96 -15.62 0.87
N LYS A 19 14.79 -15.54 -0.17
CA LYS A 19 15.92 -14.65 -0.16
C LYS A 19 15.78 -13.72 -1.34
N VAL A 20 15.63 -12.43 -1.06
CA VAL A 20 15.49 -11.41 -2.08
C VAL A 20 16.80 -10.67 -2.19
N SER A 21 17.22 -10.42 -3.43
CA SER A 21 18.48 -9.73 -3.68
C SER A 21 18.21 -8.32 -4.19
N CYS A 22 19.14 -7.42 -3.85
CA CYS A 22 19.03 -6.03 -4.24
C CYS A 22 20.41 -5.63 -4.76
N LYS A 23 20.50 -5.51 -6.08
CA LYS A 23 21.74 -5.17 -6.77
C LYS A 23 21.81 -3.68 -7.02
N THR A 24 22.90 -3.06 -6.55
CA THR A 24 23.05 -1.61 -6.65
C THR A 24 24.12 -1.29 -7.69
N SER A 25 24.00 -0.12 -8.30
CA SER A 25 24.98 0.38 -9.25
C SER A 25 24.89 1.90 -9.27
N GLY A 26 25.96 2.55 -9.70
CA GLY A 26 25.96 3.99 -9.92
C GLY A 26 26.42 4.80 -8.71
N TYR A 27 26.87 4.11 -7.67
CA TYR A 27 27.45 4.76 -6.48
C TYR A 27 28.31 3.78 -5.72
N THR A 28 28.98 4.23 -4.68
CA THR A 28 29.77 3.31 -3.86
C THR A 28 28.87 2.58 -2.85
N PHE A 29 28.59 1.31 -3.17
CA PHE A 29 27.70 0.42 -2.40
C PHE A 29 27.91 0.51 -0.90
N THR A 30 29.18 0.60 -0.54
CA THR A 30 29.59 0.58 0.85
C THR A 30 29.26 1.88 1.63
N ASN A 31 28.89 2.94 0.92
CA ASN A 31 28.67 4.26 1.55
C ASN A 31 27.26 4.57 2.00
N TYR A 32 26.30 3.68 1.73
CA TYR A 32 24.91 3.91 2.11
C TYR A 32 24.32 2.70 2.78
N LYS A 33 23.46 2.94 3.77
CA LYS A 33 22.66 1.86 4.34
C LYS A 33 21.71 1.31 3.28
N ILE A 34 21.37 0.02 3.41
CA ILE A 34 20.22 -0.52 2.71
C ILE A 34 19.14 -0.79 3.73
N ASN A 35 17.93 -0.33 3.41
CA ASN A 35 16.74 -0.58 4.21
C ASN A 35 15.88 -1.56 3.47
N TRP A 36 15.15 -2.39 4.20
CA TRP A 36 14.10 -3.18 3.58
C TRP A 36 12.74 -2.75 4.13
N VAL A 37 11.75 -2.68 3.23
CA VAL A 37 10.41 -2.21 3.54
C VAL A 37 9.42 -3.10 2.81
N ARG A 38 8.38 -3.54 3.49
CA ARG A 38 7.40 -4.37 2.82
C ARG A 38 5.99 -3.80 2.85
N GLN A 39 5.15 -4.31 1.95
CA GLN A 39 3.77 -3.85 1.83
C GLN A 39 2.87 -5.01 1.41
N ALA A 40 2.08 -5.50 2.36
CA ALA A 40 1.05 -6.51 2.11
C ALA A 40 -0.09 -5.89 1.27
N PRO A 41 -0.88 -6.72 0.56
CA PRO A 41 -1.85 -6.15 -0.41
C PRO A 41 -2.87 -5.19 0.24
N GLY A 42 -3.00 -3.98 -0.29
CA GLY A 42 -3.91 -2.96 0.26
C GLY A 42 -3.53 -2.40 1.62
N GLN A 43 -2.28 -2.65 2.05
CA GLN A 43 -1.80 -2.22 3.37
C GLN A 43 -0.73 -1.14 3.24
N GLY A 44 -0.26 -0.65 4.38
CA GLY A 44 0.78 0.37 4.42
C GLY A 44 2.19 -0.22 4.35
N LEU A 45 3.18 0.67 4.38
CA LEU A 45 4.57 0.30 4.36
C LEU A 45 4.96 -0.13 5.74
N GLU A 46 5.79 -1.16 5.81
CA GLU A 46 6.32 -1.66 7.09
C GLU A 46 7.82 -1.84 6.97
N TRP A 47 8.58 -1.10 7.79
CA TRP A 47 10.04 -1.16 7.79
C TRP A 47 10.49 -2.46 8.44
N MET A 48 11.47 -3.12 7.83
CA MET A 48 11.89 -4.46 8.25
C MET A 48 13.26 -4.47 8.91
N GLY A 49 13.97 -3.34 8.79
CA GLY A 49 15.31 -3.21 9.34
C GLY A 49 16.28 -2.63 8.33
N TRP A 50 17.57 -2.69 8.67
CA TRP A 50 18.58 -2.05 7.83
C TRP A 50 19.94 -2.68 8.03
N MET A 51 20.85 -2.35 7.12
CA MET A 51 22.17 -2.93 7.13
C MET A 51 23.17 -1.85 6.76
N ASN A 52 24.32 -1.89 7.42
CA ASN A 52 25.45 -1.09 7.01
C ASN A 52 26.37 -2.02 6.19
N PRO A 53 26.37 -1.85 4.85
CA PRO A 53 27.14 -2.73 3.97
C PRO A 53 28.63 -2.63 4.24
N ASP A 54 29.07 -1.55 4.89
CA ASP A 54 30.50 -1.33 5.16
C ASP A 54 31.06 -2.17 6.30
N THR A 55 30.24 -2.42 7.31
CA THR A 55 30.69 -3.07 8.52
C THR A 55 29.92 -4.35 8.72
N ASP A 56 28.88 -4.52 7.91
CA ASP A 56 28.04 -5.70 7.98
C ASP A 56 27.16 -5.71 9.23
N SER A 57 26.99 -4.54 9.85
CA SER A 57 26.12 -4.43 11.02
C SER A 57 24.65 -4.37 10.56
N THR A 58 23.76 -4.93 11.37
CA THR A 58 22.33 -4.96 11.03
C THR A 58 21.51 -4.57 12.25
N GLY A 59 20.24 -4.32 12.03
CA GLY A 59 19.29 -4.17 13.12
C GLY A 59 17.91 -4.41 12.57
N TYR A 60 17.09 -5.11 13.34
CA TYR A 60 15.72 -5.44 12.96
C TYR A 60 14.76 -5.11 14.09
N PRO A 61 13.54 -4.63 13.75
CA PRO A 61 12.47 -4.55 14.74
C PRO A 61 12.32 -5.88 15.45
N GLN A 62 12.03 -5.80 16.75
CA GLN A 62 11.86 -6.96 17.59
C GLN A 62 10.88 -7.98 17.00
N LYS A 63 9.77 -7.50 16.44
CA LYS A 63 8.82 -8.39 15.76
C LYS A 63 9.43 -9.29 14.65
N PHE A 64 10.61 -8.94 14.14
CA PHE A 64 11.27 -9.67 13.04
C PHE A 64 12.60 -10.35 13.40
N GLN A 65 13.07 -10.20 14.64
CA GLN A 65 14.28 -10.90 15.07
C GLN A 65 14.06 -12.41 15.03
N GLY A 66 15.02 -13.08 14.42
CA GLY A 66 14.95 -14.51 14.21
C GLY A 66 14.59 -14.75 12.77
N ARG A 67 13.57 -14.06 12.29
CA ARG A 67 13.02 -14.36 10.97
C ARG A 67 13.74 -13.63 9.83
N VAL A 68 14.36 -12.49 10.13
CA VAL A 68 14.97 -11.64 9.11
C VAL A 68 16.48 -11.59 9.22
N THR A 69 17.15 -11.86 8.09
CA THR A 69 18.59 -11.76 8.02
C THR A 69 18.98 -10.90 6.84
N MET A 70 19.78 -9.87 7.13
CA MET A 70 20.28 -9.00 6.09
C MET A 70 21.76 -9.25 5.90
N THR A 71 22.13 -9.59 4.67
CA THR A 71 23.53 -9.85 4.34
C THR A 71 23.87 -9.02 3.11
N ARG A 72 25.15 -8.96 2.76
CA ARG A 72 25.58 -8.32 1.53
C ARG A 72 26.77 -9.04 0.91
N ASN A 73 26.93 -8.86 -0.40
CA ASN A 73 28.15 -9.25 -1.09
C ASN A 73 28.71 -8.00 -1.75
N THR A 74 29.72 -7.43 -1.10
CA THR A 74 30.31 -6.17 -1.53
C THR A 74 30.94 -6.23 -2.92
N SER A 75 31.63 -7.33 -3.24
CA SER A 75 32.31 -7.42 -4.52
C SER A 75 31.35 -7.33 -5.73
N ILE A 76 30.09 -7.67 -5.52
CA ILE A 76 29.08 -7.52 -6.59
C ILE A 76 28.02 -6.43 -6.30
N SER A 77 28.24 -5.64 -5.24
CA SER A 77 27.36 -4.52 -4.87
C SER A 77 25.92 -4.93 -4.67
N THR A 78 25.68 -6.09 -4.08
CA THR A 78 24.30 -6.50 -3.83
C THR A 78 24.05 -6.85 -2.37
N ALA A 79 22.88 -6.41 -1.91
CA ALA A 79 22.40 -6.69 -0.56
C ALA A 79 21.30 -7.75 -0.66
N TYR A 80 21.12 -8.50 0.43
CA TYR A 80 20.13 -9.58 0.47
C TYR A 80 19.29 -9.47 1.73
N MET A 81 18.04 -9.87 1.62
CA MET A 81 17.17 -10.00 2.78
C MET A 81 16.56 -11.42 2.75
N GLU A 82 16.81 -12.19 3.80
CA GLU A 82 16.22 -13.51 3.94
C GLU A 82 15.16 -13.52 5.03
N LEU A 83 13.96 -13.96 4.66
CA LEU A 83 12.87 -14.09 5.61
C LEU A 83 12.48 -15.57 5.74
N SER A 84 12.59 -16.10 6.96
CA SER A 84 12.33 -17.52 7.22
C SER A 84 10.97 -17.79 7.87
N SER A 85 10.59 -19.07 7.95
CA SER A 85 9.30 -19.50 8.53
C SER A 85 8.13 -18.68 7.99
N LEU A 86 8.01 -18.64 6.67
CA LEU A 86 7.03 -17.81 6.01
C LEU A 86 5.62 -18.20 6.37
N ARG A 87 4.76 -17.19 6.47
CA ARG A 87 3.32 -17.37 6.66
C ARG A 87 2.53 -16.64 5.59
N SER A 88 1.24 -16.96 5.47
CA SER A 88 0.29 -16.23 4.61
C SER A 88 0.51 -14.73 4.72
N GLU A 89 0.61 -14.25 5.95
CA GLU A 89 0.77 -12.84 6.27
C GLU A 89 2.03 -12.21 5.69
N ASP A 90 2.98 -13.04 5.26
CA ASP A 90 4.23 -12.52 4.70
C ASP A 90 4.09 -12.22 3.22
N THR A 91 2.92 -12.55 2.63
CA THR A 91 2.61 -12.20 1.23
C THR A 91 2.65 -10.69 1.11
N ALA A 92 3.52 -10.18 0.24
CA ALA A 92 3.78 -8.74 0.17
C ALA A 92 4.71 -8.43 -0.98
N VAL A 93 4.79 -7.13 -1.33
CA VAL A 93 5.90 -6.64 -2.13
C VAL A 93 7.01 -6.20 -1.18
N TYR A 94 8.22 -6.66 -1.45
CA TYR A 94 9.38 -6.32 -0.63
C TYR A 94 10.27 -5.35 -1.39
N TYR A 95 10.63 -4.24 -0.76
CA TYR A 95 11.43 -3.18 -1.38
C TYR A 95 12.72 -3.02 -0.63
N CYS A 96 13.81 -2.81 -1.36
CA CYS A 96 15.04 -2.29 -0.74
C CYS A 96 15.12 -0.81 -1.09
N ALA A 97 15.85 -0.05 -0.26
CA ALA A 97 15.98 1.39 -0.42
C ALA A 97 17.23 1.82 0.33
N ARG A 98 18.06 2.62 -0.32
CA ARG A 98 19.26 3.12 0.34
C ARG A 98 18.97 4.38 1.14
N SER A 99 19.85 4.68 2.08
CA SER A 99 19.81 5.95 2.77
C SER A 99 21.22 6.24 3.22
N TYR A 100 21.56 7.52 3.23
CA TYR A 100 22.90 7.92 3.66
C TYR A 100 22.95 8.13 5.16
N GLY A 101 24.12 7.85 5.74
CA GLY A 101 24.43 8.21 7.12
C GLY A 101 24.40 7.03 8.06
N SER A 102 25.54 6.74 8.69
CA SER A 102 25.65 5.68 9.69
C SER A 102 26.52 6.12 10.84
N GLY A 103 26.39 5.44 11.98
CA GLY A 103 27.20 5.72 13.16
C GLY A 103 27.13 7.19 13.48
N SER A 104 28.30 7.80 13.68
CA SER A 104 28.37 9.19 14.11
C SER A 104 27.90 10.20 13.08
N TYR A 105 27.58 9.74 11.87
CA TYR A 105 27.10 10.63 10.81
C TYR A 105 25.60 10.57 10.62
N TYR A 106 24.95 9.66 11.33
CA TYR A 106 23.55 9.35 11.08
C TYR A 106 22.61 10.50 11.38
N ARG A 107 22.81 11.16 12.53
CA ARG A 107 21.95 12.28 12.92
C ARG A 107 22.00 13.45 11.94
N ASP A 108 23.23 13.83 11.57
CA ASP A 108 23.47 15.09 10.86
C ASP A 108 23.51 14.97 9.33
N TYR A 109 23.81 13.78 8.82
CA TYR A 109 23.94 13.54 7.40
C TYR A 109 23.01 12.41 6.93
N TYR A 110 21.71 12.73 6.87
CA TYR A 110 20.71 11.78 6.42
C TYR A 110 19.82 12.53 5.45
N TYR A 111 19.57 11.95 4.27
CA TYR A 111 18.82 12.63 3.24
C TYR A 111 17.64 11.79 2.74
N GLY A 112 17.13 10.93 3.63
CA GLY A 112 15.96 10.13 3.33
C GLY A 112 16.29 8.82 2.65
N MET A 113 15.26 7.99 2.48
CA MET A 113 15.39 6.79 1.69
C MET A 113 15.18 7.23 0.24
N ASP A 114 16.27 7.63 -0.41
CA ASP A 114 16.18 8.41 -1.67
C ASP A 114 16.06 7.61 -2.94
N VAL A 115 16.68 6.43 -3.02
CA VAL A 115 16.39 5.57 -4.16
C VAL A 115 15.96 4.15 -3.76
N TRP A 116 14.89 3.70 -4.39
CA TRP A 116 14.23 2.43 -4.06
C TRP A 116 14.41 1.43 -5.19
N GLY A 117 14.52 0.15 -4.84
CA GLY A 117 14.36 -0.92 -5.81
C GLY A 117 12.94 -0.92 -6.37
N GLN A 118 12.72 -1.76 -7.39
CA GLN A 118 11.41 -1.83 -8.06
C GLN A 118 10.41 -2.67 -7.26
N GLY A 119 10.89 -3.37 -6.23
CA GLY A 119 10.05 -4.28 -5.46
C GLY A 119 10.06 -5.73 -5.95
N THR A 120 9.96 -6.66 -5.00
CA THR A 120 9.84 -8.08 -5.30
C THR A 120 8.53 -8.60 -4.66
N THR A 121 7.66 -9.16 -5.50
CA THR A 121 6.45 -9.80 -5.01
C THR A 121 6.76 -11.20 -4.46
N VAL A 122 6.33 -11.45 -3.23
CA VAL A 122 6.45 -12.77 -2.64
C VAL A 122 5.07 -13.23 -2.20
N THR A 123 4.61 -14.34 -2.77
CA THR A 123 3.31 -14.90 -2.40
C THR A 123 3.55 -16.15 -1.60
N VAL A 124 3.03 -16.20 -0.39
CA VAL A 124 3.17 -17.38 0.46
C VAL A 124 1.83 -18.08 0.52
N SER A 125 1.82 -19.32 0.05
CA SER A 125 0.60 -20.11 -0.06
C SER A 125 0.95 -21.55 -0.30
N SER A 126 0.05 -22.45 0.10
CA SER A 126 0.24 -23.87 -0.18
C SER A 126 -0.41 -24.25 -1.52
N ALA A 127 -1.11 -23.32 -2.15
CA ALA A 127 -1.73 -23.56 -3.46
C ALA A 127 -0.65 -23.85 -4.52
N SER A 128 -0.98 -24.69 -5.50
CA SER A 128 -0.14 -24.82 -6.66
C SER A 128 -0.68 -24.06 -7.88
N THR A 129 0.23 -23.76 -8.81
CA THR A 129 -0.10 -22.90 -9.96
C THR A 129 -1.29 -23.48 -10.73
N LYS A 130 -2.25 -22.63 -11.08
CA LYS A 130 -3.46 -23.10 -11.74
C LYS A 130 -4.02 -22.00 -12.61
N GLY A 131 -4.30 -22.29 -13.87
CA GLY A 131 -4.95 -21.31 -14.75
C GLY A 131 -6.44 -21.19 -14.46
N PRO A 132 -7.03 -20.03 -14.78
CA PRO A 132 -8.43 -19.74 -14.47
C PRO A 132 -9.43 -20.50 -15.33
N SER A 133 -10.63 -20.75 -14.80
CA SER A 133 -11.76 -21.07 -15.67
C SER A 133 -12.39 -19.71 -15.97
N VAL A 134 -12.79 -19.50 -17.22
CA VAL A 134 -13.32 -18.20 -17.66
C VAL A 134 -14.78 -18.38 -18.04
N PHE A 135 -15.68 -17.71 -17.31
CA PHE A 135 -17.12 -17.87 -17.52
C PHE A 135 -17.74 -16.56 -18.00
N PRO A 136 -18.70 -16.63 -18.94
CA PRO A 136 -19.41 -15.44 -19.43
C PRO A 136 -20.26 -14.77 -18.36
N LEU A 137 -20.24 -13.44 -18.34
CA LEU A 137 -21.17 -12.63 -17.56
C LEU A 137 -22.14 -12.01 -18.56
N ALA A 138 -23.36 -12.52 -18.57
CA ALA A 138 -24.40 -11.99 -19.42
C ALA A 138 -25.74 -12.00 -18.69
N PRO A 139 -26.55 -10.95 -18.87
CA PRO A 139 -27.91 -10.95 -18.32
C PRO A 139 -28.80 -11.95 -19.07
N CYS A 140 -29.96 -12.28 -18.53
CA CYS A 140 -31.04 -12.80 -19.40
C CYS A 140 -31.84 -11.65 -20.02
N SER A 141 -31.62 -10.44 -19.50
CA SER A 141 -32.15 -9.17 -20.02
C SER A 141 -33.65 -9.16 -20.31
N GLU A 146 -33.04 -0.29 -20.65
CA GLU A 146 -31.85 0.55 -20.68
C GLU A 146 -31.24 0.65 -22.09
N SER A 147 -30.55 1.76 -22.34
CA SER A 147 -29.84 1.99 -23.59
C SER A 147 -28.48 1.29 -23.64
N THR A 148 -27.83 1.16 -22.49
CA THR A 148 -26.57 0.44 -22.43
C THR A 148 -26.71 -0.87 -21.64
N ALA A 149 -26.00 -1.90 -22.09
CA ALA A 149 -25.92 -3.18 -21.39
C ALA A 149 -24.49 -3.44 -20.92
N ALA A 150 -24.36 -4.23 -19.85
CA ALA A 150 -23.07 -4.69 -19.37
C ALA A 150 -22.85 -6.17 -19.74
N LEU A 151 -21.63 -6.48 -20.13
CA LEU A 151 -21.18 -7.83 -20.43
C LEU A 151 -19.87 -8.04 -19.69
N GLY A 152 -19.52 -9.28 -19.40
CA GLY A 152 -18.27 -9.55 -18.70
C GLY A 152 -17.76 -10.97 -18.77
N CYS A 153 -16.61 -11.18 -18.13
CA CYS A 153 -16.06 -12.51 -17.93
C CYS A 153 -15.66 -12.67 -16.47
N LEU A 154 -16.02 -13.82 -15.90
CA LEU A 154 -15.57 -14.17 -14.56
C LEU A 154 -14.34 -15.06 -14.73
N VAL A 155 -13.24 -14.64 -14.11
CA VAL A 155 -11.96 -15.29 -14.27
C VAL A 155 -11.67 -15.98 -12.92
N LYS A 156 -12.05 -17.25 -12.82
CA LYS A 156 -12.19 -17.88 -11.52
C LYS A 156 -11.16 -18.95 -11.22
N ASP A 157 -10.76 -19.02 -9.95
CA ASP A 157 -9.93 -20.10 -9.41
C ASP A 157 -8.55 -20.21 -10.07
N TYR A 158 -7.73 -19.19 -9.92
CA TYR A 158 -6.38 -19.25 -10.46
C TYR A 158 -5.35 -18.96 -9.40
N PHE A 159 -4.12 -19.40 -9.65
CA PHE A 159 -2.99 -19.10 -8.78
C PHE A 159 -1.68 -19.16 -9.57
N PRO A 160 -0.75 -18.21 -9.35
CA PRO A 160 -0.82 -16.99 -8.52
C PRO A 160 -1.35 -15.83 -9.35
N GLU A 161 -1.35 -14.63 -8.79
CA GLU A 161 -1.47 -13.41 -9.61
C GLU A 161 -0.25 -13.29 -10.54
N PRO A 162 -0.37 -12.54 -11.66
CA PRO A 162 -1.55 -11.84 -12.15
C PRO A 162 -2.17 -12.52 -13.35
N VAL A 163 -3.35 -12.02 -13.70
CA VAL A 163 -4.06 -12.37 -14.90
C VAL A 163 -4.19 -11.08 -15.72
N THR A 164 -4.07 -11.18 -17.04
CA THR A 164 -4.35 -10.06 -17.95
C THR A 164 -5.64 -10.34 -18.71
N VAL A 165 -6.50 -9.33 -18.79
CA VAL A 165 -7.76 -9.46 -19.49
C VAL A 165 -7.86 -8.43 -20.59
N SER A 166 -8.12 -8.93 -21.80
CA SER A 166 -8.28 -8.14 -22.99
C SER A 166 -9.74 -8.29 -23.48
N TRP A 167 -10.22 -7.31 -24.24
CA TRP A 167 -11.51 -7.41 -24.90
C TRP A 167 -11.33 -7.18 -26.39
N ASN A 168 -11.91 -8.09 -27.19
CA ASN A 168 -11.79 -8.02 -28.65
C ASN A 168 -10.35 -7.79 -29.08
N SER A 169 -9.46 -8.61 -28.51
CA SER A 169 -8.02 -8.58 -28.76
C SER A 169 -7.35 -7.22 -28.60
N GLY A 170 -7.93 -6.37 -27.75
CA GLY A 170 -7.39 -5.02 -27.57
C GLY A 170 -8.16 -3.93 -28.27
N ALA A 171 -9.00 -4.29 -29.24
CA ALA A 171 -9.77 -3.29 -29.99
C ALA A 171 -10.75 -2.52 -29.11
N LEU A 172 -11.37 -3.21 -28.17
CA LEU A 172 -12.34 -2.64 -27.22
C LEU A 172 -11.64 -2.25 -25.92
N THR A 173 -11.61 -0.95 -25.58
CA THR A 173 -11.03 -0.54 -24.29
C THR A 173 -11.92 0.41 -23.51
N SER A 174 -12.78 1.17 -24.20
CA SER A 174 -13.75 2.07 -23.55
C SER A 174 -14.81 1.34 -22.76
N GLY A 175 -15.05 1.82 -21.55
CA GLY A 175 -16.07 1.26 -20.67
C GLY A 175 -15.68 -0.10 -20.12
N VAL A 176 -14.41 -0.49 -20.25
CA VAL A 176 -13.90 -1.72 -19.66
C VAL A 176 -13.49 -1.47 -18.20
N HIS A 177 -13.91 -2.35 -17.31
CA HIS A 177 -13.41 -2.38 -15.95
C HIS A 177 -12.96 -3.80 -15.61
N THR A 178 -11.66 -3.95 -15.38
CA THR A 178 -11.09 -5.21 -14.92
C THR A 178 -10.76 -5.01 -13.44
N PHE A 179 -11.42 -5.76 -12.59
CA PHE A 179 -11.33 -5.55 -11.14
C PHE A 179 -10.14 -6.24 -10.48
N PRO A 180 -9.67 -5.70 -9.32
CA PRO A 180 -8.68 -6.40 -8.51
C PRO A 180 -9.22 -7.77 -8.12
N ALA A 181 -8.37 -8.78 -8.21
CA ALA A 181 -8.74 -10.13 -7.78
C ALA A 181 -9.03 -10.14 -6.28
N VAL A 182 -9.93 -11.04 -5.88
CA VAL A 182 -10.09 -11.36 -4.46
C VAL A 182 -9.49 -12.73 -4.23
N LEU A 183 -8.96 -12.96 -3.05
CA LEU A 183 -8.40 -14.24 -2.70
C LEU A 183 -9.51 -14.98 -1.99
N GLN A 184 -9.93 -16.13 -2.55
CA GLN A 184 -11.01 -16.91 -1.96
C GLN A 184 -10.44 -17.81 -0.87
N SER A 185 -11.32 -18.37 -0.04
CA SER A 185 -10.87 -19.20 1.07
C SER A 185 -10.22 -20.51 0.61
N SER A 186 -10.50 -20.93 -0.63
CA SER A 186 -9.79 -22.04 -1.28
C SER A 186 -8.28 -21.79 -1.47
N GLY A 187 -7.85 -20.53 -1.43
CA GLY A 187 -6.46 -20.19 -1.67
C GLY A 187 -6.20 -19.77 -3.11
N LEU A 188 -7.23 -19.84 -3.94
CA LEU A 188 -7.18 -19.44 -5.33
C LEU A 188 -7.82 -18.05 -5.49
N TYR A 189 -7.38 -17.31 -6.49
CA TYR A 189 -7.91 -15.99 -6.77
C TYR A 189 -9.07 -16.06 -7.73
N SER A 190 -9.86 -15.00 -7.74
CA SER A 190 -10.94 -14.84 -8.69
C SER A 190 -11.10 -13.36 -9.04
N LEU A 191 -11.32 -13.05 -10.32
CA LEU A 191 -11.63 -11.69 -10.72
C LEU A 191 -12.69 -11.61 -11.81
N SER A 192 -13.31 -10.44 -11.93
CA SER A 192 -14.20 -10.21 -13.03
C SER A 192 -13.70 -9.05 -13.87
N SER A 193 -14.03 -9.08 -15.16
CA SER A 193 -13.79 -7.99 -16.08
C SER A 193 -15.09 -7.72 -16.82
N VAL A 194 -15.52 -6.46 -16.82
CA VAL A 194 -16.79 -6.08 -17.44
C VAL A 194 -16.58 -4.98 -18.48
N VAL A 195 -17.56 -4.84 -19.36
CA VAL A 195 -17.61 -3.75 -20.31
C VAL A 195 -19.07 -3.34 -20.54
N THR A 196 -19.35 -2.03 -20.50
CA THR A 196 -20.67 -1.54 -20.90
C THR A 196 -20.61 -1.11 -22.36
N VAL A 197 -21.63 -1.50 -23.12
CA VAL A 197 -21.68 -1.19 -24.55
C VAL A 197 -23.08 -0.71 -24.93
N PRO A 198 -23.21 -0.02 -26.08
CA PRO A 198 -24.53 0.33 -26.59
C PRO A 198 -25.35 -0.93 -26.87
N SER A 199 -26.44 -1.11 -26.12
CA SER A 199 -27.24 -2.33 -26.19
C SER A 199 -27.87 -2.57 -27.56
N SER A 200 -27.77 -1.57 -28.45
CA SER A 200 -28.18 -1.76 -29.84
C SER A 200 -27.16 -2.63 -30.59
N SER A 201 -25.91 -2.61 -30.14
CA SER A 201 -24.83 -3.36 -30.78
C SER A 201 -24.81 -4.86 -30.40
N LEU A 202 -25.70 -5.28 -29.51
CA LEU A 202 -25.72 -6.66 -29.04
C LEU A 202 -26.11 -7.69 -30.11
N GLY A 203 -26.95 -7.27 -31.05
CA GLY A 203 -27.32 -8.14 -32.16
C GLY A 203 -26.22 -8.32 -33.18
N THR A 204 -25.50 -7.22 -33.47
CA THR A 204 -24.62 -7.12 -34.64
C THR A 204 -23.10 -7.13 -34.37
N LYS A 205 -22.71 -7.15 -33.10
CA LYS A 205 -21.28 -7.12 -32.75
C LYS A 205 -20.97 -8.19 -31.69
N THR A 206 -19.90 -8.92 -31.89
CA THR A 206 -19.52 -9.99 -30.96
C THR A 206 -18.54 -9.46 -29.94
N TYR A 207 -18.57 -10.04 -28.74
CA TYR A 207 -17.72 -9.58 -27.65
C TYR A 207 -16.94 -10.72 -27.03
N THR A 208 -15.62 -10.63 -27.10
CA THR A 208 -14.74 -11.71 -26.64
C THR A 208 -13.69 -11.18 -25.68
N CYS A 209 -13.63 -11.77 -24.48
CA CYS A 209 -12.57 -11.45 -23.54
C CYS A 209 -11.41 -12.40 -23.72
N ASN A 210 -10.21 -11.83 -23.66
CA ASN A 210 -8.99 -12.61 -23.83
C ASN A 210 -8.26 -12.64 -22.50
N VAL A 211 -8.11 -13.83 -21.94
CA VAL A 211 -7.60 -13.99 -20.59
C VAL A 211 -6.23 -14.66 -20.65
N ASP A 212 -5.20 -13.89 -20.30
CA ASP A 212 -3.84 -14.39 -20.29
C ASP A 212 -3.39 -14.64 -18.85
N HIS A 213 -2.92 -15.86 -18.58
CA HIS A 213 -2.35 -16.21 -17.29
C HIS A 213 -0.97 -16.86 -17.47
N LYS A 214 0.06 -16.02 -17.47
CA LYS A 214 1.41 -16.47 -17.76
C LYS A 214 1.91 -17.58 -16.83
N PRO A 215 1.67 -17.47 -15.50
CA PRO A 215 2.31 -18.51 -14.66
C PRO A 215 1.89 -19.94 -15.02
N SER A 216 0.69 -20.12 -15.58
CA SER A 216 0.21 -21.45 -15.95
C SER A 216 0.34 -21.73 -17.45
N ASN A 217 0.86 -20.75 -18.21
CA ASN A 217 0.93 -20.83 -19.68
C ASN A 217 -0.44 -21.02 -20.32
N THR A 218 -1.49 -20.46 -19.70
CA THR A 218 -2.85 -20.55 -20.24
C THR A 218 -3.28 -19.22 -20.83
N LYS A 219 -3.87 -19.29 -22.00
CA LYS A 219 -4.38 -18.12 -22.69
C LYS A 219 -5.73 -18.58 -23.24
N VAL A 220 -6.79 -17.91 -22.80
CA VAL A 220 -8.15 -18.36 -23.06
C VAL A 220 -8.99 -17.21 -23.63
N ASP A 221 -9.75 -17.50 -24.67
CA ASP A 221 -10.72 -16.57 -25.21
C ASP A 221 -12.13 -17.05 -24.88
N LYS A 222 -12.97 -16.13 -24.41
CA LYS A 222 -14.35 -16.48 -24.19
C LYS A 222 -15.27 -15.50 -24.90
N ARG A 223 -16.07 -16.02 -25.82
CA ARG A 223 -17.08 -15.18 -26.44
C ARG A 223 -18.26 -15.09 -25.48
N VAL A 224 -18.68 -13.87 -25.21
CA VAL A 224 -19.79 -13.61 -24.29
C VAL A 224 -21.08 -13.41 -25.09
N GLU A 225 -22.01 -14.34 -24.92
CA GLU A 225 -23.27 -14.33 -25.66
C GLU A 225 -24.39 -13.72 -24.82
N SER A 226 -25.05 -12.72 -25.37
CA SER A 226 -26.12 -12.00 -24.67
C SER A 226 -27.39 -12.85 -24.56
N GLU B 1 7.79 1.99 20.75
CA GLU B 1 7.86 2.39 19.32
C GLU B 1 7.13 3.70 19.12
N ILE B 2 7.63 4.54 18.22
CA ILE B 2 6.93 5.76 17.87
C ILE B 2 5.75 5.42 16.95
N VAL B 3 4.57 5.88 17.33
CA VAL B 3 3.37 5.71 16.52
C VAL B 3 3.13 6.99 15.75
N LEU B 4 3.04 6.87 14.42
CA LEU B 4 2.78 7.99 13.57
C LEU B 4 1.34 7.90 13.06
N THR B 5 0.51 8.84 13.47
CA THR B 5 -0.89 8.86 13.07
C THR B 5 -1.12 9.87 11.93
N GLN B 6 -1.56 9.36 10.81
CA GLN B 6 -1.97 10.19 9.68
C GLN B 6 -3.48 10.24 9.60
N SER B 7 -4.03 11.40 9.89
CA SER B 7 -5.49 11.56 9.93
C SER B 7 -5.83 12.87 9.29
N PRO B 8 -6.79 12.88 8.34
CA PRO B 8 -7.62 11.75 7.95
C PRO B 8 -6.91 10.78 7.03
N ALA B 9 -7.45 9.57 6.97
CA ALA B 9 -6.92 8.47 6.17
C ALA B 9 -7.11 8.73 4.68
N THR B 10 -8.17 9.45 4.34
CA THR B 10 -8.48 9.78 2.96
C THR B 10 -8.82 11.25 2.89
N LEU B 11 -8.33 11.91 1.86
CA LEU B 11 -8.59 13.32 1.65
C LEU B 11 -9.19 13.44 0.25
N SER B 12 -10.37 14.04 0.13
CA SER B 12 -11.04 14.17 -1.16
C SER B 12 -10.94 15.62 -1.60
N LEU B 13 -10.14 15.87 -2.63
CA LEU B 13 -9.93 17.23 -3.07
C LEU B 13 -9.95 17.33 -4.59
N SER B 14 -10.15 18.54 -5.09
CA SER B 14 -10.16 18.78 -6.53
C SER B 14 -8.77 19.14 -7.06
N PRO B 15 -8.49 18.73 -8.31
CA PRO B 15 -7.30 19.20 -9.02
C PRO B 15 -7.27 20.72 -8.88
N GLY B 16 -6.09 21.30 -8.73
CA GLY B 16 -5.97 22.75 -8.58
C GLY B 16 -6.35 23.29 -7.20
N GLU B 17 -6.53 22.40 -6.24
CA GLU B 17 -6.86 22.77 -4.86
C GLU B 17 -5.64 22.49 -3.99
N ARG B 18 -5.56 23.20 -2.86
CA ARG B 18 -4.50 23.01 -1.88
C ARG B 18 -4.74 21.74 -1.07
N ALA B 19 -3.68 20.98 -0.78
CA ALA B 19 -3.77 19.83 0.12
C ALA B 19 -2.83 19.97 1.32
N THR B 20 -3.37 19.65 2.49
CA THR B 20 -2.59 19.69 3.72
C THR B 20 -2.79 18.35 4.40
N LEU B 21 -1.71 17.57 4.48
CA LEU B 21 -1.75 16.25 5.09
C LEU B 21 -1.10 16.32 6.47
N SER B 22 -1.70 15.62 7.41
CA SER B 22 -1.27 15.64 8.79
C SER B 22 -0.53 14.36 9.19
N CYS B 23 0.56 14.53 9.94
CA CYS B 23 1.24 13.43 10.56
C CYS B 23 1.54 13.80 12.00
N ARG B 24 1.05 12.99 12.93
CA ARG B 24 1.26 13.25 14.36
C ARG B 24 1.98 12.10 15.02
N ALA B 25 3.06 12.40 15.74
CA ALA B 25 3.85 11.37 16.40
C ALA B 25 3.42 11.21 17.85
N SER B 26 3.45 9.98 18.35
CA SER B 26 3.09 9.68 19.75
C SER B 26 3.93 10.45 20.78
N GLN B 27 5.15 10.81 20.39
CA GLN B 27 5.98 11.69 21.20
C GLN B 27 6.93 12.41 20.26
N SER B 28 7.52 13.50 20.76
CA SER B 28 8.35 14.36 19.93
C SER B 28 9.43 13.58 19.19
N VAL B 29 9.51 13.82 17.88
CA VAL B 29 10.61 13.31 17.07
C VAL B 29 11.44 14.47 16.50
N SER B 30 11.32 15.64 17.14
CA SER B 30 11.92 16.92 16.67
C SER B 30 11.68 17.16 15.19
N SER B 31 12.77 17.17 14.42
CA SER B 31 12.72 17.38 12.98
C SER B 31 12.92 16.08 12.17
N TYR B 32 12.96 14.92 12.83
CA TYR B 32 13.37 13.67 12.19
C TYR B 32 12.23 12.91 11.50
N LEU B 33 11.52 13.62 10.62
CA LEU B 33 10.35 13.09 9.94
C LEU B 33 10.46 13.24 8.41
N ALA B 34 10.26 12.14 7.69
CA ALA B 34 10.30 12.15 6.22
C ALA B 34 8.94 11.88 5.60
N TRP B 35 8.75 12.31 4.37
CA TRP B 35 7.50 12.07 3.67
C TRP B 35 7.77 11.34 2.36
N TYR B 36 6.97 10.30 2.10
CA TYR B 36 7.04 9.51 0.87
C TYR B 36 5.70 9.51 0.13
N GLN B 37 5.77 9.40 -1.19
CA GLN B 37 4.60 9.28 -2.04
C GLN B 37 4.60 7.89 -2.69
N GLN B 38 3.43 7.29 -2.84
CA GLN B 38 3.33 6.04 -3.57
C GLN B 38 2.06 6.01 -4.41
N LYS B 39 2.24 5.84 -5.72
CA LYS B 39 1.12 5.52 -6.62
C LYS B 39 0.89 4.01 -6.69
N PRO B 40 -0.31 3.58 -7.09
CA PRO B 40 -0.59 2.12 -7.14
C PRO B 40 0.38 1.39 -8.07
N GLY B 41 0.91 0.25 -7.60
CA GLY B 41 1.84 -0.55 -8.39
C GLY B 41 3.21 0.09 -8.65
N GLN B 42 3.58 1.07 -7.85
CA GLN B 42 4.91 1.69 -7.94
C GLN B 42 5.60 1.66 -6.60
N ALA B 43 6.91 1.71 -6.63
CA ALA B 43 7.71 1.92 -5.43
C ALA B 43 7.39 3.27 -4.82
N PRO B 44 7.46 3.36 -3.48
CA PRO B 44 7.43 4.66 -2.81
C PRO B 44 8.56 5.55 -3.32
N ARG B 45 8.35 6.86 -3.19
CA ARG B 45 9.25 7.89 -3.68
C ARG B 45 9.43 8.89 -2.54
N LEU B 46 10.66 9.23 -2.19
CA LEU B 46 10.94 10.26 -1.18
C LEU B 46 10.52 11.65 -1.68
N LEU B 47 9.89 12.41 -0.78
CA LEU B 47 9.43 13.77 -1.05
C LEU B 47 10.22 14.81 -0.24
N ILE B 48 10.29 14.60 1.07
CA ILE B 48 10.78 15.56 2.03
C ILE B 48 11.58 14.78 3.06
N TYR B 49 12.75 15.26 3.45
CA TYR B 49 13.48 14.61 4.54
C TYR B 49 13.66 15.60 5.68
N ASP B 50 13.78 15.07 6.89
CA ASP B 50 13.92 15.87 8.11
C ASP B 50 12.96 17.04 8.18
N ALA B 51 11.67 16.70 8.06
CA ALA B 51 10.52 17.61 8.24
C ALA B 51 10.27 18.63 7.12
N SER B 52 11.31 19.29 6.63
CA SER B 52 11.07 20.45 5.77
C SER B 52 12.04 20.59 4.59
N ASN B 53 12.79 19.54 4.28
CA ASN B 53 13.77 19.64 3.20
C ASN B 53 13.31 18.86 1.98
N ARG B 54 12.97 19.58 0.92
CA ARG B 54 12.47 18.93 -0.28
C ARG B 54 13.61 18.17 -0.95
N ALA B 55 13.33 16.94 -1.35
CA ALA B 55 14.28 16.08 -2.04
C ALA B 55 14.47 16.47 -3.50
N THR B 56 15.64 16.13 -4.04
CA THR B 56 15.97 16.33 -5.45
C THR B 56 14.92 15.74 -6.37
N GLY B 57 14.58 16.46 -7.43
CA GLY B 57 13.62 15.94 -8.41
C GLY B 57 12.16 16.23 -8.07
N ILE B 58 11.89 16.66 -6.84
CA ILE B 58 10.51 16.85 -6.37
C ILE B 58 10.13 18.30 -6.66
N PRO B 59 8.95 18.51 -7.28
CA PRO B 59 8.51 19.87 -7.68
C PRO B 59 8.19 20.75 -6.48
N ALA B 60 8.46 22.05 -6.63
CA ALA B 60 8.34 23.03 -5.54
C ALA B 60 6.96 23.17 -4.88
N ARG B 61 5.91 22.60 -5.47
CA ARG B 61 4.58 22.63 -4.87
C ARG B 61 4.47 21.76 -3.62
N PHE B 62 5.39 20.82 -3.43
CA PHE B 62 5.46 20.04 -2.19
C PHE B 62 6.32 20.77 -1.17
N SER B 63 5.82 20.89 0.06
CA SER B 63 6.65 21.32 1.17
C SER B 63 6.20 20.71 2.49
N GLY B 64 7.17 20.40 3.34
CA GLY B 64 6.87 19.90 4.67
C GLY B 64 7.16 20.94 5.72
N SER B 65 6.39 20.91 6.80
CA SER B 65 6.72 21.72 7.95
C SER B 65 6.39 21.02 9.27
N GLY B 66 6.75 21.65 10.37
CA GLY B 66 6.41 21.19 11.70
C GLY B 66 7.64 20.67 12.41
N SER B 67 7.50 20.39 13.69
CA SER B 67 8.54 19.75 14.50
C SER B 67 7.88 19.20 15.75
N GLY B 68 8.61 18.38 16.51
CA GLY B 68 8.07 17.76 17.72
C GLY B 68 7.11 16.64 17.37
N THR B 69 5.82 16.90 17.53
CA THR B 69 4.80 15.88 17.27
C THR B 69 3.89 16.19 16.08
N ASP B 70 3.87 17.43 15.62
CA ASP B 70 2.87 17.82 14.61
C ASP B 70 3.53 18.26 13.32
N PHE B 71 3.26 17.50 12.27
CA PHE B 71 3.87 17.72 10.98
C PHE B 71 2.84 17.84 9.89
N THR B 72 3.18 18.62 8.87
CA THR B 72 2.30 18.87 7.75
C THR B 72 3.03 18.69 6.43
N LEU B 73 2.44 17.92 5.51
CA LEU B 73 2.84 17.97 4.12
C LEU B 73 1.84 18.83 3.38
N THR B 74 2.31 19.92 2.77
CA THR B 74 1.44 20.79 1.97
C THR B 74 1.72 20.65 0.47
N ILE B 75 0.65 20.51 -0.31
CA ILE B 75 0.74 20.49 -1.76
C ILE B 75 -0.03 21.73 -2.15
N SER B 76 0.68 22.76 -2.59
CA SER B 76 0.09 24.09 -2.77
C SER B 76 -1.07 24.09 -3.76
N SER B 77 -0.98 23.25 -4.79
CA SER B 77 -2.04 23.07 -5.78
C SER B 77 -1.95 21.70 -6.41
N LEU B 78 -2.98 20.87 -6.23
CA LEU B 78 -2.96 19.49 -6.71
C LEU B 78 -2.90 19.37 -8.24
N GLU B 79 -1.95 18.59 -8.73
CA GLU B 79 -1.86 18.21 -10.13
C GLU B 79 -2.43 16.81 -10.28
N PRO B 80 -2.93 16.44 -11.48
CA PRO B 80 -3.48 15.07 -11.60
C PRO B 80 -2.55 13.99 -11.02
N GLU B 81 -1.24 14.15 -11.19
CA GLU B 81 -0.32 13.10 -10.78
C GLU B 81 -0.05 13.09 -9.27
N ASP B 82 -0.68 14.00 -8.52
CA ASP B 82 -0.47 14.13 -7.08
C ASP B 82 -1.47 13.29 -6.29
N PHE B 83 -2.51 12.77 -6.94
CA PHE B 83 -3.45 11.90 -6.26
C PHE B 83 -2.81 10.52 -6.09
N ALA B 84 -2.50 10.20 -4.84
CA ALA B 84 -1.68 9.06 -4.51
C ALA B 84 -1.78 8.85 -3.00
N VAL B 85 -0.98 7.91 -2.48
CA VAL B 85 -0.94 7.66 -1.06
C VAL B 85 0.36 8.27 -0.52
N TYR B 86 0.27 8.90 0.65
CA TYR B 86 1.41 9.57 1.26
C TYR B 86 1.70 9.01 2.65
N TYR B 87 2.97 8.68 2.89
CA TYR B 87 3.38 8.13 4.18
C TYR B 87 4.42 9.01 4.84
N CYS B 88 4.27 9.24 6.14
CA CYS B 88 5.34 9.83 6.93
C CYS B 88 6.17 8.74 7.60
N GLN B 89 7.38 9.10 8.03
CA GLN B 89 8.35 8.15 8.51
C GLN B 89 9.28 8.84 9.52
N GLN B 90 9.42 8.28 10.72
CA GLN B 90 10.34 8.85 11.71
C GLN B 90 11.64 8.05 11.79
N ARG B 91 12.75 8.78 12.01
CA ARG B 91 14.08 8.16 12.06
C ARG B 91 14.84 8.42 13.37
N SER B 92 14.25 9.15 14.30
CA SER B 92 14.94 9.50 15.55
C SER B 92 15.00 8.38 16.58
N ASN B 93 14.03 7.46 16.53
CA ASN B 93 13.89 6.43 17.57
C ASN B 93 13.90 5.03 17.02
N TRP B 94 14.52 4.13 17.78
CA TRP B 94 14.61 2.73 17.42
C TRP B 94 13.31 2.01 17.82
N PRO B 95 12.69 1.27 16.89
CA PRO B 95 13.05 1.12 15.48
C PRO B 95 12.32 2.15 14.59
N LEU B 96 12.83 2.37 13.39
CA LEU B 96 12.18 3.27 12.44
C LEU B 96 10.77 2.77 12.15
N THR B 97 9.82 3.70 11.98
CA THR B 97 8.43 3.33 11.73
C THR B 97 7.82 4.28 10.70
N PHE B 98 6.77 3.82 10.02
CA PHE B 98 5.96 4.63 9.11
C PHE B 98 4.60 4.95 9.73
N GLY B 99 3.94 6.01 9.24
CA GLY B 99 2.52 6.21 9.51
C GLY B 99 1.70 5.29 8.63
N GLY B 100 0.40 5.21 8.89
CA GLY B 100 -0.51 4.31 8.16
C GLY B 100 -0.95 4.83 6.79
N GLY B 101 -0.54 6.05 6.42
CA GLY B 101 -0.80 6.60 5.09
C GLY B 101 -2.07 7.42 4.93
N THR B 102 -2.03 8.39 4.02
CA THR B 102 -3.21 9.19 3.69
C THR B 102 -3.35 9.10 2.18
N LYS B 103 -4.52 8.66 1.74
CA LYS B 103 -4.84 8.65 0.33
C LYS B 103 -5.49 9.98 -0.06
N VAL B 104 -4.91 10.66 -1.05
CA VAL B 104 -5.54 11.85 -1.64
C VAL B 104 -6.24 11.40 -2.92
N GLU B 105 -7.57 11.53 -2.94
CA GLU B 105 -8.34 11.14 -4.12
C GLU B 105 -9.05 12.36 -4.71
N ILE B 106 -9.56 12.21 -5.92
CA ILE B 106 -10.17 13.30 -6.65
C ILE B 106 -11.63 13.47 -6.21
N LYS B 107 -11.96 14.65 -5.70
CA LYS B 107 -13.34 15.02 -5.45
C LYS B 107 -14.02 15.40 -6.79
N ARG B 108 -15.22 14.88 -7.00
CA ARG B 108 -16.04 15.24 -8.16
C ARG B 108 -17.49 15.20 -7.68
N THR B 109 -18.43 15.64 -8.50
CA THR B 109 -19.84 15.56 -8.16
C THR B 109 -20.25 14.11 -7.86
N VAL B 110 -21.24 13.95 -6.97
CA VAL B 110 -21.85 12.66 -6.68
C VAL B 110 -22.32 12.03 -7.98
N ALA B 111 -21.99 10.77 -8.21
CA ALA B 111 -22.51 10.04 -9.38
C ALA B 111 -23.06 8.70 -8.91
N ALA B 112 -24.34 8.45 -9.19
CA ALA B 112 -24.98 7.17 -8.84
C ALA B 112 -24.44 6.00 -9.69
N PRO B 113 -24.30 4.82 -9.08
CA PRO B 113 -23.85 3.66 -9.89
C PRO B 113 -24.92 3.19 -10.89
N SER B 114 -24.48 2.60 -12.00
CA SER B 114 -25.36 1.76 -12.80
C SER B 114 -25.17 0.35 -12.27
N VAL B 115 -26.29 -0.30 -11.95
CA VAL B 115 -26.24 -1.61 -11.33
C VAL B 115 -26.66 -2.68 -12.32
N PHE B 116 -25.91 -3.78 -12.34
CA PHE B 116 -26.24 -4.93 -13.17
C PHE B 116 -26.03 -6.19 -12.35
N ILE B 117 -26.85 -7.20 -12.62
CA ILE B 117 -26.67 -8.52 -12.00
C ILE B 117 -26.52 -9.58 -13.11
N PHE B 118 -25.68 -10.57 -12.84
CA PHE B 118 -25.40 -11.66 -13.79
C PHE B 118 -25.61 -13.01 -13.12
N PRO B 119 -26.42 -13.89 -13.75
CA PRO B 119 -26.57 -15.28 -13.33
C PRO B 119 -25.29 -16.09 -13.55
N PRO B 120 -25.14 -17.22 -12.82
CA PRO B 120 -24.04 -18.13 -13.15
C PRO B 120 -24.25 -18.72 -14.54
N SER B 121 -23.15 -19.01 -15.23
CA SER B 121 -23.22 -19.58 -16.57
C SER B 121 -23.54 -21.06 -16.47
N ASP B 122 -24.20 -21.59 -17.50
CA ASP B 122 -24.46 -23.02 -17.61
C ASP B 122 -23.14 -23.77 -17.52
N GLU B 123 -22.12 -23.20 -18.16
CA GLU B 123 -20.75 -23.71 -18.10
C GLU B 123 -20.26 -23.96 -16.67
N GLN B 124 -20.34 -22.93 -15.83
CA GLN B 124 -19.92 -23.06 -14.44
C GLN B 124 -20.77 -24.05 -13.69
N LEU B 125 -22.07 -24.04 -13.97
CA LEU B 125 -23.04 -24.88 -13.29
C LEU B 125 -22.72 -26.36 -13.42
N LYS B 126 -22.21 -26.77 -14.58
CA LYS B 126 -21.70 -28.13 -14.81
C LYS B 126 -20.68 -28.55 -13.75
N SER B 127 -19.87 -27.60 -13.28
CA SER B 127 -18.79 -27.90 -12.34
C SER B 127 -19.23 -28.05 -10.88
N GLY B 128 -20.47 -27.70 -10.56
CA GLY B 128 -20.98 -27.87 -9.19
C GLY B 128 -20.93 -26.63 -8.30
N THR B 129 -20.49 -25.51 -8.88
CA THR B 129 -20.43 -24.24 -8.17
C THR B 129 -21.13 -23.14 -8.96
N ALA B 130 -21.82 -22.25 -8.25
CA ALA B 130 -22.54 -21.14 -8.87
C ALA B 130 -22.03 -19.78 -8.35
N SER B 131 -21.60 -18.91 -9.26
CA SER B 131 -21.22 -17.54 -8.91
C SER B 131 -22.21 -16.53 -9.48
N VAL B 132 -22.72 -15.66 -8.61
CA VAL B 132 -23.64 -14.61 -9.04
C VAL B 132 -22.91 -13.28 -8.86
N VAL B 133 -22.94 -12.46 -9.90
CA VAL B 133 -22.14 -11.25 -9.89
C VAL B 133 -23.03 -10.01 -9.93
N CYS B 134 -22.70 -9.05 -9.08
CA CYS B 134 -23.39 -7.80 -9.09
C CYS B 134 -22.38 -6.71 -9.40
N LEU B 135 -22.66 -5.93 -10.44
CA LEU B 135 -21.78 -4.84 -10.88
C LEU B 135 -22.36 -3.47 -10.54
N LEU B 136 -21.56 -2.64 -9.89
CA LEU B 136 -21.92 -1.23 -9.66
C LEU B 136 -20.95 -0.41 -10.49
N ASN B 137 -21.48 0.28 -11.49
CA ASN B 137 -20.66 0.91 -12.51
C ASN B 137 -20.56 2.42 -12.38
N ASN B 138 -19.31 2.92 -12.31
CA ASN B 138 -19.03 4.36 -12.42
C ASN B 138 -19.75 5.29 -11.45
N PHE B 139 -19.41 5.17 -10.17
CA PHE B 139 -20.04 5.98 -9.14
C PHE B 139 -19.04 6.80 -8.35
N TYR B 140 -19.56 7.76 -7.60
CA TYR B 140 -18.77 8.59 -6.72
C TYR B 140 -19.72 9.20 -5.70
N PRO B 141 -19.32 9.23 -4.41
CA PRO B 141 -18.03 8.79 -3.89
C PRO B 141 -17.93 7.26 -3.75
N ARG B 142 -16.84 6.82 -3.17
CA ARG B 142 -16.47 5.43 -3.16
C ARG B 142 -17.35 4.56 -2.25
N GLU B 143 -17.88 5.16 -1.18
CA GLU B 143 -18.67 4.43 -0.21
C GLU B 143 -19.93 3.87 -0.88
N ALA B 144 -20.07 2.55 -0.88
CA ALA B 144 -21.28 1.91 -1.38
C ALA B 144 -21.55 0.66 -0.58
N LYS B 145 -22.81 0.27 -0.49
CA LYS B 145 -23.19 -0.94 0.21
C LYS B 145 -23.94 -1.86 -0.73
N VAL B 146 -23.44 -3.07 -0.89
CA VAL B 146 -24.19 -4.12 -1.59
C VAL B 146 -24.60 -5.20 -0.61
N GLN B 147 -25.85 -5.64 -0.73
CA GLN B 147 -26.40 -6.66 0.12
C GLN B 147 -27.03 -7.69 -0.80
N TRP B 148 -26.64 -8.95 -0.62
CA TRP B 148 -27.21 -10.06 -1.38
C TRP B 148 -28.49 -10.60 -0.74
N LYS B 149 -29.48 -10.92 -1.57
CA LYS B 149 -30.70 -11.58 -1.09
C LYS B 149 -31.00 -12.80 -1.97
N VAL B 150 -31.35 -13.92 -1.34
CA VAL B 150 -31.72 -15.14 -2.03
C VAL B 150 -33.10 -15.56 -1.50
N ASP B 151 -34.11 -15.57 -2.38
CA ASP B 151 -35.53 -15.72 -2.00
C ASP B 151 -35.88 -14.80 -0.84
N ASN B 152 -35.48 -13.54 -0.98
CA ASN B 152 -35.67 -12.48 0.04
C ASN B 152 -34.96 -12.73 1.37
N ALA B 153 -34.16 -13.78 1.45
CA ALA B 153 -33.33 -14.02 2.62
C ALA B 153 -32.01 -13.28 2.44
N LEU B 154 -31.75 -12.36 3.35
CA LEU B 154 -30.52 -11.59 3.38
C LEU B 154 -29.30 -12.49 3.55
N GLN B 155 -28.28 -12.31 2.70
CA GLN B 155 -27.08 -13.16 2.75
C GLN B 155 -25.97 -12.56 3.59
N SER B 156 -25.07 -13.42 4.04
CA SER B 156 -23.97 -13.02 4.88
C SER B 156 -22.83 -14.03 4.82
N GLY B 157 -21.60 -13.55 4.67
CA GLY B 157 -20.43 -14.42 4.76
C GLY B 157 -20.09 -15.25 3.54
N ASN B 158 -20.93 -15.17 2.51
CA ASN B 158 -20.75 -15.97 1.28
C ASN B 158 -20.53 -15.10 0.04
N SER B 159 -20.07 -13.86 0.25
CA SER B 159 -19.70 -12.99 -0.87
C SER B 159 -18.40 -12.23 -0.66
N GLN B 160 -17.86 -11.73 -1.76
CA GLN B 160 -16.61 -10.95 -1.78
C GLN B 160 -16.74 -9.89 -2.86
N GLU B 161 -16.05 -8.78 -2.65
CA GLU B 161 -16.15 -7.64 -3.57
C GLU B 161 -14.78 -7.00 -3.71
N SER B 162 -14.58 -6.29 -4.82
CA SER B 162 -13.43 -5.41 -4.95
C SER B 162 -13.83 -4.17 -5.78
N VAL B 163 -13.02 -3.12 -5.64
CA VAL B 163 -13.29 -1.81 -6.23
C VAL B 163 -12.13 -1.40 -7.10
N THR B 164 -12.41 -0.87 -8.29
CA THR B 164 -11.35 -0.38 -9.15
C THR B 164 -10.68 0.85 -8.51
N GLU B 165 -9.48 1.20 -8.97
CA GLU B 165 -8.89 2.50 -8.66
C GLU B 165 -9.76 3.56 -9.34
N GLN B 166 -9.66 4.78 -8.85
CA GLN B 166 -10.42 5.90 -9.38
C GLN B 166 -10.14 6.08 -10.87
N ASP B 167 -11.18 6.22 -11.67
CA ASP B 167 -11.01 6.26 -13.12
C ASP B 167 -10.29 7.50 -13.59
N SER B 168 -9.30 7.33 -14.46
CA SER B 168 -8.48 8.44 -14.90
C SER B 168 -9.23 9.47 -15.77
N LYS B 169 -10.29 9.06 -16.46
CA LYS B 169 -11.06 10.01 -17.28
C LYS B 169 -12.17 10.75 -16.53
N ASP B 170 -12.98 10.02 -15.77
CA ASP B 170 -14.16 10.60 -15.13
C ASP B 170 -14.15 10.57 -13.59
N SER B 171 -13.08 10.01 -13.00
CA SER B 171 -12.87 10.03 -11.54
C SER B 171 -13.89 9.24 -10.72
N THR B 172 -14.52 8.24 -11.35
CA THR B 172 -15.52 7.41 -10.66
C THR B 172 -14.90 6.10 -10.19
N TYR B 173 -15.65 5.34 -9.41
CA TYR B 173 -15.27 4.03 -8.95
C TYR B 173 -16.25 3.03 -9.53
N SER B 174 -15.81 1.77 -9.62
CA SER B 174 -16.72 0.69 -9.96
C SER B 174 -16.47 -0.44 -8.99
N LEU B 175 -17.50 -1.23 -8.73
CA LEU B 175 -17.41 -2.26 -7.72
C LEU B 175 -18.01 -3.51 -8.31
N SER B 176 -17.38 -4.65 -8.01
CA SER B 176 -17.88 -5.95 -8.40
C SER B 176 -18.04 -6.77 -7.14
N SER B 177 -19.20 -7.41 -6.99
CA SER B 177 -19.45 -8.30 -5.86
C SER B 177 -19.87 -9.70 -6.37
N THR B 178 -19.29 -10.73 -5.77
CA THR B 178 -19.58 -12.09 -6.18
C THR B 178 -20.18 -12.89 -5.04
N LEU B 179 -21.40 -13.36 -5.25
CA LEU B 179 -22.04 -14.28 -4.33
C LEU B 179 -21.69 -15.69 -4.80
N THR B 180 -21.13 -16.52 -3.92
CA THR B 180 -20.81 -17.89 -4.28
C THR B 180 -21.63 -18.91 -3.47
N LEU B 181 -22.27 -19.83 -4.19
CA LEU B 181 -23.02 -20.92 -3.58
C LEU B 181 -22.66 -22.22 -4.29
N SER B 182 -22.92 -23.35 -3.64
CA SER B 182 -22.83 -24.64 -4.31
C SER B 182 -24.00 -24.72 -5.27
N LYS B 183 -23.86 -25.54 -6.31
CA LYS B 183 -24.93 -25.75 -7.29
C LYS B 183 -26.20 -26.27 -6.63
N ALA B 184 -26.02 -27.20 -5.69
CA ALA B 184 -27.14 -27.75 -4.92
C ALA B 184 -27.91 -26.64 -4.19
N ASP B 185 -27.17 -25.74 -3.53
CA ASP B 185 -27.83 -24.64 -2.79
C ASP B 185 -28.46 -23.64 -3.75
N TYR B 186 -27.79 -23.40 -4.86
CA TYR B 186 -28.28 -22.50 -5.89
C TYR B 186 -29.61 -22.96 -6.48
N GLU B 187 -29.69 -24.26 -6.75
CA GLU B 187 -30.86 -24.84 -7.39
C GLU B 187 -32.01 -25.00 -6.39
N LYS B 188 -31.72 -24.78 -5.10
CA LYS B 188 -32.74 -24.77 -4.06
C LYS B 188 -33.63 -23.54 -4.06
N HIS B 189 -33.20 -22.48 -4.74
CA HIS B 189 -33.84 -21.16 -4.66
C HIS B 189 -34.12 -20.51 -6.01
N LYS B 190 -35.07 -19.58 -6.03
CA LYS B 190 -35.54 -18.98 -7.28
C LYS B 190 -35.01 -17.56 -7.53
N VAL B 191 -35.18 -16.67 -6.55
CA VAL B 191 -34.91 -15.25 -6.76
C VAL B 191 -33.54 -14.85 -6.22
N TYR B 192 -32.71 -14.29 -7.11
CA TYR B 192 -31.39 -13.81 -6.74
C TYR B 192 -31.31 -12.30 -6.90
N ALA B 193 -30.99 -11.62 -5.80
CA ALA B 193 -31.14 -10.18 -5.73
C ALA B 193 -29.91 -9.48 -5.18
N CYS B 194 -29.57 -8.39 -5.85
CA CYS B 194 -28.48 -7.52 -5.45
C CYS B 194 -29.05 -6.15 -5.12
N GLU B 195 -28.98 -5.75 -3.84
CA GLU B 195 -29.47 -4.44 -3.40
C GLU B 195 -28.34 -3.45 -3.08
N VAL B 196 -28.32 -2.31 -3.77
CA VAL B 196 -27.25 -1.35 -3.51
C VAL B 196 -27.70 -0.01 -2.93
N THR B 197 -26.96 0.43 -1.91
CA THR B 197 -27.17 1.71 -1.28
C THR B 197 -25.97 2.61 -1.58
N HIS B 198 -26.26 3.83 -2.06
CA HIS B 198 -25.24 4.82 -2.42
C HIS B 198 -25.80 6.24 -2.34
N GLN B 199 -24.97 7.18 -1.91
CA GLN B 199 -25.35 8.59 -1.77
C GLN B 199 -26.05 9.18 -3.01
N GLY B 200 -25.70 8.69 -4.18
CA GLY B 200 -26.32 9.15 -5.42
C GLY B 200 -27.70 8.59 -5.67
N LEU B 201 -28.12 7.59 -4.90
CA LEU B 201 -29.45 6.97 -5.04
C LEU B 201 -30.35 7.41 -3.89
N SER B 202 -31.47 8.06 -4.19
CA SER B 202 -32.39 8.51 -3.14
C SER B 202 -33.02 7.34 -2.40
N SER B 203 -33.21 6.24 -3.13
CA SER B 203 -33.59 4.96 -2.55
C SER B 203 -32.63 3.87 -3.02
N PRO B 204 -32.46 2.80 -2.20
CA PRO B 204 -31.62 1.69 -2.63
C PRO B 204 -32.15 1.08 -3.93
N VAL B 205 -31.23 0.57 -4.73
CA VAL B 205 -31.54 -0.02 -6.04
C VAL B 205 -31.32 -1.52 -5.96
N THR B 206 -32.31 -2.28 -6.40
CA THR B 206 -32.25 -3.73 -6.38
C THR B 206 -32.29 -4.26 -7.81
N LYS B 207 -31.29 -5.07 -8.19
CA LYS B 207 -31.35 -5.81 -9.43
C LYS B 207 -31.44 -7.27 -9.10
N SER B 208 -32.28 -8.01 -9.82
CA SER B 208 -32.49 -9.43 -9.53
C SER B 208 -32.90 -10.25 -10.74
N PHE B 209 -32.89 -11.56 -10.58
CA PHE B 209 -33.40 -12.45 -11.61
C PHE B 209 -33.99 -13.70 -10.97
N ASN B 210 -34.79 -14.43 -11.74
CA ASN B 210 -35.33 -15.73 -11.31
C ASN B 210 -34.53 -16.84 -11.99
N ARG B 211 -33.99 -17.74 -11.17
CA ARG B 211 -33.22 -18.88 -11.66
C ARG B 211 -34.08 -19.71 -12.60
N GLY B 212 -33.45 -20.20 -13.68
CA GLY B 212 -34.13 -21.12 -14.60
C GLY B 212 -35.08 -20.41 -15.56
N GLU B 213 -35.54 -19.24 -15.16
CA GLU B 213 -36.30 -18.37 -16.04
C GLU B 213 -35.32 -17.43 -16.73
N CYS B 214 -34.05 -17.57 -16.36
CA CYS B 214 -32.97 -16.76 -16.92
C CYS B 214 -32.32 -17.51 -18.08
N SER C 21 27.25 -0.04 27.01
CA SER C 21 26.46 -0.76 28.06
C SER C 21 25.10 -1.22 27.53
N SER C 22 24.47 -2.11 28.27
CA SER C 22 23.26 -2.79 27.81
C SER C 22 22.00 -1.98 28.14
N PRO C 23 21.01 -1.97 27.22
CA PRO C 23 19.75 -1.29 27.48
C PRO C 23 18.95 -1.98 28.60
N SER C 24 18.09 -1.22 29.27
CA SER C 24 17.22 -1.76 30.31
C SER C 24 15.76 -1.72 29.82
N GLU C 25 15.19 -2.91 29.60
CA GLU C 25 13.85 -3.06 29.02
C GLU C 25 13.67 -2.20 27.77
N GLY C 26 14.66 -2.31 26.87
CA GLY C 26 14.63 -1.59 25.61
C GLY C 26 15.11 -0.15 25.65
N LEU C 27 15.48 0.34 26.84
CA LEU C 27 15.82 1.75 27.01
C LEU C 27 17.23 2.02 27.52
N CYS C 28 17.79 3.14 27.08
CA CYS C 28 19.10 3.61 27.50
C CYS C 28 18.92 4.79 28.48
N PRO C 29 19.83 4.94 29.45
CA PRO C 29 19.72 5.94 30.52
C PRO C 29 19.81 7.34 29.96
N PRO C 30 19.34 8.34 30.73
CA PRO C 30 19.62 9.73 30.41
C PRO C 30 21.09 9.91 30.04
N GLY C 31 21.38 10.82 29.11
CA GLY C 31 22.75 11.10 28.71
C GLY C 31 23.35 10.04 27.80
N HIS C 32 22.50 9.13 27.31
CA HIS C 32 22.89 8.10 26.35
C HIS C 32 21.87 8.01 25.24
N HIS C 33 22.25 7.34 24.15
CA HIS C 33 21.30 6.96 23.11
C HIS C 33 21.52 5.49 22.79
N ILE C 34 20.58 4.89 22.07
CA ILE C 34 20.69 3.49 21.71
C ILE C 34 21.40 3.33 20.37
N SER C 35 22.00 2.16 20.18
CA SER C 35 22.70 1.80 18.95
C SER C 35 21.75 1.38 17.84
N GLU C 36 22.31 1.20 16.65
CA GLU C 36 21.52 0.94 15.45
C GLU C 36 20.86 -0.44 15.37
N ASP C 37 21.15 -1.32 16.32
CA ASP C 37 20.43 -2.59 16.44
C ASP C 37 19.57 -2.72 17.71
N GLY C 38 19.49 -1.63 18.46
CA GLY C 38 18.71 -1.61 19.69
C GLY C 38 19.36 -2.41 20.81
N ARG C 39 20.62 -2.80 20.64
CA ARG C 39 21.29 -3.67 21.62
C ARG C 39 22.25 -2.96 22.59
N ASP C 40 22.67 -1.75 22.25
CA ASP C 40 23.71 -1.09 23.06
C ASP C 40 23.41 0.37 23.38
N CYS C 41 23.95 0.85 24.50
CA CYS C 41 23.79 2.24 24.92
C CYS C 41 25.11 3.00 24.83
N ILE C 42 25.05 4.18 24.24
CA ILE C 42 26.25 4.99 23.97
C ILE C 42 26.08 6.37 24.60
N SER C 43 27.12 6.82 25.30
CA SER C 43 27.10 8.13 25.94
C SER C 43 27.04 9.29 24.93
N CYS C 44 26.25 10.33 25.26
CA CYS C 44 26.25 11.60 24.52
C CYS C 44 27.59 12.30 24.69
N LYS C 45 27.87 13.28 23.84
CA LYS C 45 29.12 14.02 23.94
C LYS C 45 28.89 15.29 24.76
N TYR C 46 29.57 15.36 25.91
CA TYR C 46 29.39 16.45 26.87
C TYR C 46 29.61 17.79 26.19
N GLY C 47 28.64 18.68 26.35
CA GLY C 47 28.73 20.02 25.78
C GLY C 47 28.29 20.07 24.34
N GLN C 48 28.03 18.91 23.72
CA GLN C 48 27.62 18.87 22.31
C GLN C 48 26.18 18.42 22.12
N ASP C 49 25.82 17.33 22.77
CA ASP C 49 24.46 16.81 22.62
C ASP C 49 24.03 16.18 23.94
N TYR C 50 22.73 15.85 24.04
CA TYR C 50 22.17 15.45 25.33
C TYR C 50 21.01 14.51 25.13
N SER C 51 20.58 13.93 26.24
CA SER C 51 19.46 13.02 26.30
C SER C 51 18.93 13.11 27.72
N THR C 52 17.68 13.59 27.86
CA THR C 52 17.15 13.89 29.19
C THR C 52 16.52 12.71 29.94
N HIS C 53 16.13 11.65 29.24
CA HIS C 53 15.33 10.60 29.88
C HIS C 53 15.78 9.24 29.43
N TRP C 54 15.27 8.19 30.07
CA TRP C 54 15.49 6.83 29.56
C TRP C 54 14.85 6.79 28.17
N ASN C 55 15.60 6.29 27.20
CA ASN C 55 15.20 6.52 25.81
C ASN C 55 15.57 5.40 24.85
N ASP C 56 14.96 5.44 23.67
CA ASP C 56 15.43 4.64 22.56
C ASP C 56 15.77 5.53 21.36
N LEU C 57 16.36 6.71 21.66
CA LEU C 57 16.84 7.61 20.61
C LEU C 57 18.05 7.00 19.92
N LEU C 58 18.13 7.19 18.62
CA LEU C 58 19.24 6.70 17.83
C LEU C 58 20.46 7.63 17.85
N PHE C 59 20.31 8.80 18.44
CA PHE C 59 21.40 9.76 18.60
C PHE C 59 21.01 10.67 19.75
N CYS C 60 21.99 11.41 20.27
CA CYS C 60 21.70 12.45 21.22
C CYS C 60 21.30 13.71 20.48
N LEU C 61 20.48 14.54 21.13
CA LEU C 61 20.00 15.78 20.55
C LEU C 61 21.08 16.86 20.68
N ARG C 62 21.22 17.65 19.62
CA ARG C 62 22.19 18.73 19.63
C ARG C 62 21.81 19.80 20.64
N CYS C 63 22.76 20.20 21.48
CA CYS C 63 22.57 21.29 22.42
C CYS C 63 22.14 22.57 21.71
N THR C 64 21.20 23.29 22.31
CA THR C 64 20.84 24.64 21.88
C THR C 64 21.92 25.62 22.32
N ARG C 65 22.26 26.54 21.43
CA ARG C 65 23.08 27.66 21.83
C ARG C 65 22.16 28.86 21.95
N CYS C 66 22.46 29.75 22.91
CA CYS C 66 21.66 30.94 23.16
C CYS C 66 21.85 31.92 22.00
N ASP C 67 20.82 32.68 21.65
CA ASP C 67 21.02 33.75 20.68
C ASP C 67 21.47 35.01 21.40
N SER C 68 22.08 35.94 20.65
CA SER C 68 22.80 37.11 21.22
C SER C 68 22.09 37.91 22.32
N GLY C 69 20.77 37.95 22.29
CA GLY C 69 20.01 38.68 23.30
C GLY C 69 19.85 37.93 24.62
N GLU C 70 20.53 36.79 24.73
CA GLU C 70 20.33 35.87 25.84
C GLU C 70 21.60 35.46 26.55
N VAL C 71 21.48 35.23 27.86
CA VAL C 71 22.59 34.71 28.63
C VAL C 71 22.37 33.23 28.98
N GLU C 72 23.47 32.49 29.06
CA GLU C 72 23.45 31.10 29.42
C GLU C 72 23.36 31.00 30.95
N LEU C 73 22.27 30.40 31.43
CA LEU C 73 22.01 30.22 32.85
C LEU C 73 22.68 28.94 33.35
N SER C 74 22.54 27.87 32.59
CA SER C 74 23.29 26.64 32.85
C SER C 74 23.75 26.00 31.54
N PRO C 75 24.96 25.41 31.54
CA PRO C 75 25.54 24.80 30.34
C PRO C 75 24.86 23.50 29.94
N CYS C 76 25.00 23.12 28.67
CA CYS C 76 24.48 21.85 28.18
C CYS C 76 25.29 20.73 28.80
N THR C 77 24.61 19.71 29.31
CA THR C 77 25.27 18.51 29.81
C THR C 77 24.66 17.33 29.06
N THR C 78 25.18 16.14 29.27
CA THR C 78 24.69 14.99 28.52
C THR C 78 23.22 14.68 28.87
N THR C 79 22.76 15.17 30.02
CA THR C 79 21.40 14.88 30.46
C THR C 79 20.46 16.10 30.43
N ARG C 80 20.98 17.28 30.08
CA ARG C 80 20.18 18.50 30.16
C ARG C 80 20.60 19.55 29.12
N ASN C 81 19.66 19.96 28.27
CA ASN C 81 19.93 21.01 27.28
C ASN C 81 20.29 22.33 27.96
N THR C 82 21.02 23.17 27.24
CA THR C 82 21.33 24.52 27.69
C THR C 82 20.05 25.19 28.19
N VAL C 83 20.17 26.00 29.25
CA VAL C 83 19.09 26.88 29.64
C VAL C 83 19.53 28.31 29.35
N CYS C 84 18.75 28.97 28.51
CA CYS C 84 19.03 30.35 28.12
C CYS C 84 17.96 31.28 28.69
N GLN C 85 18.38 32.49 29.04
CA GLN C 85 17.48 33.54 29.48
C GLN C 85 17.92 34.89 28.91
N CYS C 86 16.94 35.71 28.52
CA CYS C 86 17.21 37.09 28.15
C CYS C 86 18.01 37.79 29.26
N GLU C 87 18.90 38.71 28.86
CA GLU C 87 19.56 39.61 29.80
C GLU C 87 18.52 40.52 30.47
N GLU C 88 18.97 41.48 31.26
CA GLU C 88 18.11 42.42 32.02
C GLU C 88 16.81 42.96 31.36
N GLY C 89 16.48 42.46 30.16
CA GLY C 89 15.21 42.77 29.48
C GLY C 89 14.42 41.56 29.03
N THR C 90 13.76 40.87 29.99
CA THR C 90 12.83 39.76 29.72
C THR C 90 11.64 40.29 28.89
N PHE C 91 11.13 39.54 27.91
CA PHE C 91 11.60 38.22 27.53
C PHE C 91 11.64 38.12 26.01
#